data_5MSH
#
_entry.id   5MSH
#
_cell.length_a   1.0
_cell.length_b   1.0
_cell.length_c   1.0
_cell.angle_alpha   90.0
_cell.angle_beta   90.0
_cell.angle_gamma   90.0
#
_symmetry.space_group_name_H-M   'P 1'
#
loop_
_entity.id
_entity.type
_entity.pdbx_description
1 polymer 'Cowpea mosaic virus small subunit'
2 polymer 'Cowpea mosaic virus large subunit'
#
loop_
_entity_poly.entity_id
_entity_poly.type
_entity_poly.pdbx_seq_one_letter_code
_entity_poly.pdbx_strand_id
1 'polypeptide(L)'
;GPVCAEASDVYSPCMIASTPPAPFSDVTAVTFDLINGKITPVGDDNWNTHIYNPPIMNVLRTAAWKSGTIHVQLNVRGAG
VKRADWDGQVFVYLRQSMNPESYDARTFVISQPGSAMLNFSFDIIGPNSGFEFAESPWANQTTWYLECVATNPRQIQQFE
VNMRFDPNFRVAGNILMPPFPLSTETPPL
;
A
2 'polypeptide(L)'
;MEQNLFALSLDDTSSVRGSLLDTKFAQTRVLLSKAMAGGDVLLDEYLYDVVNGQDFRATVAFLRTHVITGKIKVTATTNI
SDNSGCCLMLAINSGVRGKYSTDVYTICSQDSMTWNPGCKKNFSFTFNPNPCGDSWSAEMISRSRVRMTVICVSGWTLSP
TTDVIAKLDWSIVNEKCEPTIYHLADCQNWLPLNRWMGKLTFPQGVTSEVRRMPLSIGGGAGATQAFLANMPNSWISMWR
YFRGELHFEVTKMSSPYIKATVTFLIAFGNLSDAFGFYESFPHRIVQFAEVEEKCTLVFSQQEFVTAWSTQVNPRTTLEA
DGCPYLYAIIHDSTTGTISGDFNLGVKLVGIKDFCGIGSNPGIDGSRLL
;
B
#
# COMPACT_ATOMS: atom_id res chain seq x y z
N GLY A 1 43.82 -1.54 -6.87
CA GLY A 1 44.71 -2.66 -6.66
C GLY A 1 44.12 -3.95 -7.22
N PRO A 2 44.88 -5.06 -7.15
CA PRO A 2 44.50 -6.36 -7.63
C PRO A 2 43.46 -7.05 -6.75
N VAL A 3 43.27 -6.55 -5.53
CA VAL A 3 42.31 -7.10 -4.61
C VAL A 3 41.22 -6.09 -4.29
N CYS A 4 39.99 -6.43 -4.60
CA CYS A 4 38.86 -5.54 -4.35
C CYS A 4 38.13 -5.89 -3.06
N ALA A 5 37.50 -4.88 -2.46
CA ALA A 5 36.72 -5.10 -1.25
C ALA A 5 35.45 -5.89 -1.58
N GLU A 6 35.05 -6.75 -0.66
CA GLU A 6 33.89 -7.59 -0.85
C GLU A 6 32.58 -6.92 -0.45
N ALA A 7 31.61 -6.90 -1.36
CA ALA A 7 30.28 -6.36 -1.10
C ALA A 7 29.54 -7.31 -0.16
N SER A 8 28.53 -6.80 0.54
CA SER A 8 27.85 -7.65 1.52
C SER A 8 26.35 -7.78 1.29
N ASP A 9 25.61 -6.80 1.76
CA ASP A 9 24.15 -6.83 1.68
C ASP A 9 23.64 -6.90 0.25
N VAL A 10 22.46 -7.49 0.09
CA VAL A 10 21.85 -7.71 -1.21
C VAL A 10 21.25 -6.47 -1.85
N TYR A 11 21.69 -6.20 -3.06
CA TYR A 11 21.15 -5.14 -3.89
C TYR A 11 20.20 -5.78 -4.87
N SER A 12 19.18 -5.06 -5.28
CA SER A 12 18.27 -5.61 -6.27
C SER A 12 18.27 -4.77 -7.50
N PRO A 13 18.26 -5.37 -8.68
CA PRO A 13 18.15 -4.64 -9.89
C PRO A 13 16.79 -4.06 -9.87
N CYS A 14 16.65 -2.93 -10.52
CA CYS A 14 15.38 -2.26 -10.53
C CYS A 14 15.06 -1.62 -11.85
N MET A 15 16.06 -1.00 -12.45
CA MET A 15 15.82 -0.35 -13.71
C MET A 15 16.93 -0.57 -14.70
N ILE A 16 16.57 -0.88 -15.93
CA ILE A 16 17.57 -1.02 -16.95
C ILE A 16 17.20 -0.26 -18.18
N ALA A 17 18.19 0.09 -18.97
CA ALA A 17 17.89 0.83 -20.18
C ALA A 17 19.01 0.66 -21.18
N SER A 18 18.67 0.13 -22.35
CA SER A 18 19.66 -0.03 -23.39
C SER A 18 19.71 1.15 -24.30
N THR A 19 20.92 1.55 -24.65
CA THR A 19 21.05 2.61 -25.62
C THR A 19 20.35 2.16 -26.90
N PRO A 20 20.01 3.09 -27.79
CA PRO A 20 19.39 2.79 -29.04
C PRO A 20 20.29 1.93 -29.91
N PRO A 21 19.71 1.08 -30.73
CA PRO A 21 20.40 0.19 -31.61
C PRO A 21 21.05 0.90 -32.78
N ALA A 22 22.04 0.24 -33.36
CA ALA A 22 22.72 0.75 -34.54
C ALA A 22 21.69 0.93 -35.65
N PRO A 23 21.90 1.88 -36.56
CA PRO A 23 23.02 2.78 -36.70
C PRO A 23 23.06 4.01 -35.79
N PHE A 24 22.31 4.05 -34.71
CA PHE A 24 22.36 5.20 -33.84
C PHE A 24 23.76 5.34 -33.25
N SER A 25 24.24 6.57 -33.14
CA SER A 25 25.57 6.81 -32.61
C SER A 25 25.76 8.19 -31.98
N ASP A 26 24.72 8.99 -31.96
CA ASP A 26 24.82 10.32 -31.38
C ASP A 26 24.88 10.23 -29.88
N VAL A 27 25.56 11.19 -29.25
CA VAL A 27 25.64 11.19 -27.80
C VAL A 27 24.24 11.30 -27.24
N THR A 28 23.92 10.43 -26.30
CA THR A 28 22.58 10.39 -25.76
C THR A 28 22.56 10.20 -24.28
N ALA A 29 21.37 10.09 -23.73
CA ALA A 29 21.21 9.98 -22.31
C ALA A 29 19.84 9.48 -21.92
N VAL A 30 19.72 9.09 -20.65
CA VAL A 30 18.47 8.59 -20.11
C VAL A 30 18.35 8.97 -18.65
N THR A 31 17.17 9.34 -18.22
CA THR A 31 16.96 9.73 -16.84
C THR A 31 16.20 8.70 -16.04
N PHE A 32 16.72 8.35 -14.88
CA PHE A 32 16.05 7.41 -14.02
C PHE A 32 15.44 8.10 -12.82
N ASP A 33 14.13 7.96 -12.64
CA ASP A 33 13.52 8.49 -11.44
C ASP A 33 13.69 7.42 -10.41
N LEU A 34 14.64 7.64 -9.52
CA LEU A 34 15.02 6.66 -8.51
C LEU A 34 13.96 6.37 -7.49
N ILE A 35 12.95 7.22 -7.38
CA ILE A 35 11.96 6.99 -6.36
C ILE A 35 10.67 6.51 -6.96
N ASN A 36 10.18 7.19 -7.99
CA ASN A 36 8.91 6.78 -8.58
C ASN A 36 9.07 5.62 -9.55
N GLY A 37 10.29 5.28 -9.93
CA GLY A 37 10.50 4.15 -10.80
C GLY A 37 10.11 4.50 -12.21
N LYS A 38 10.76 5.50 -12.77
CA LYS A 38 10.46 5.89 -14.13
C LYS A 38 11.70 5.99 -14.96
N ILE A 39 11.59 5.70 -16.23
CA ILE A 39 12.74 5.84 -17.08
C ILE A 39 12.36 6.73 -18.24
N THR A 40 13.07 7.84 -18.39
CA THR A 40 12.77 8.78 -19.45
C THR A 40 13.97 9.04 -20.34
N PRO A 41 13.99 8.48 -21.55
CA PRO A 41 14.98 8.72 -22.53
C PRO A 41 15.02 10.17 -22.93
N VAL A 42 16.20 10.67 -23.22
CA VAL A 42 16.31 12.05 -23.65
C VAL A 42 15.93 12.20 -25.12
N GLY A 43 15.09 13.19 -25.38
CA GLY A 43 14.64 13.46 -26.73
C GLY A 43 13.77 12.33 -27.23
N ASP A 44 13.98 11.98 -28.48
CA ASP A 44 13.25 10.89 -29.10
C ASP A 44 14.15 9.68 -29.34
N ASP A 45 15.25 9.59 -28.61
CA ASP A 45 16.15 8.47 -28.83
C ASP A 45 15.51 7.15 -28.42
N ASN A 46 15.69 6.13 -29.25
CA ASN A 46 15.05 4.83 -29.04
C ASN A 46 15.69 3.97 -27.98
N TRP A 47 15.52 4.35 -26.73
CA TRP A 47 16.05 3.59 -25.62
C TRP A 47 15.14 2.44 -25.23
N ASN A 48 15.74 1.27 -25.08
CA ASN A 48 14.95 0.11 -24.72
C ASN A 48 14.93 0.00 -23.22
N THR A 49 13.97 0.67 -22.62
CA THR A 49 13.85 0.72 -21.18
C THR A 49 13.06 -0.45 -20.62
N HIS A 50 13.31 -0.77 -19.35
CA HIS A 50 12.58 -1.82 -18.67
C HIS A 50 12.70 -1.72 -17.16
N ILE A 51 11.59 -1.96 -16.47
CA ILE A 51 11.58 -1.85 -15.01
C ILE A 51 11.13 -3.15 -14.37
N TYR A 52 11.82 -3.56 -13.32
CA TYR A 52 11.51 -4.80 -12.62
C TYR A 52 10.60 -4.55 -11.42
N ASN A 53 10.24 -5.59 -10.68
CA ASN A 53 9.35 -5.38 -9.55
C ASN A 53 9.80 -6.02 -8.21
N PRO A 54 11.03 -5.79 -7.73
CA PRO A 54 11.52 -6.28 -6.49
C PRO A 54 10.91 -5.52 -5.34
N PRO A 55 10.99 -6.04 -4.11
CA PRO A 55 10.50 -5.45 -2.91
C PRO A 55 10.85 -4.00 -2.78
N ILE A 56 12.09 -3.66 -3.11
CA ILE A 56 12.54 -2.29 -3.04
C ILE A 56 11.77 -1.35 -3.93
N MET A 57 11.55 -1.75 -5.18
CA MET A 57 10.78 -0.91 -6.06
C MET A 57 9.34 -0.87 -5.66
N ASN A 58 8.86 -1.97 -5.10
CA ASN A 58 7.48 -2.03 -4.69
C ASN A 58 7.27 -1.07 -3.55
N VAL A 59 8.26 -0.95 -2.66
CA VAL A 59 8.21 0.00 -1.58
C VAL A 59 8.32 1.40 -2.08
N LEU A 60 9.33 1.67 -2.91
CA LEU A 60 9.54 3.02 -3.37
C LEU A 60 8.34 3.57 -4.12
N ARG A 61 7.69 2.73 -4.90
CA ARG A 61 6.56 3.17 -5.66
C ARG A 61 5.24 3.23 -4.89
N THR A 62 5.21 2.77 -3.64
CA THR A 62 3.96 2.80 -2.88
C THR A 62 4.05 3.60 -1.58
N ALA A 63 5.25 3.74 -1.04
CA ALA A 63 5.44 4.49 0.18
C ALA A 63 5.26 5.99 -0.05
N ALA A 64 4.26 6.57 0.60
CA ALA A 64 4.01 7.99 0.44
C ALA A 64 5.10 8.83 1.04
N TRP A 65 5.50 8.51 2.25
CA TRP A 65 6.53 9.26 2.93
C TRP A 65 7.74 8.40 3.14
N LYS A 66 8.91 8.97 2.89
CA LYS A 66 10.14 8.21 3.04
C LYS A 66 11.21 8.95 3.82
N SER A 67 12.09 8.20 4.45
CA SER A 67 13.20 8.82 5.16
C SER A 67 14.33 7.84 5.41
N GLY A 68 15.52 8.19 5.00
CA GLY A 68 16.65 7.30 5.25
C GLY A 68 17.66 7.27 4.14
N THR A 69 18.62 6.37 4.26
CA THR A 69 19.68 6.27 3.28
C THR A 69 19.45 5.17 2.27
N ILE A 70 19.70 5.48 1.00
CA ILE A 70 19.61 4.48 -0.04
C ILE A 70 20.93 4.28 -0.74
N HIS A 71 21.30 3.03 -0.88
CA HIS A 71 22.54 2.67 -1.52
C HIS A 71 22.25 2.29 -2.96
N VAL A 72 23.03 2.84 -3.88
CA VAL A 72 22.82 2.57 -5.29
C VAL A 72 24.06 2.04 -5.97
N GLN A 73 23.85 1.00 -6.75
CA GLN A 73 24.92 0.45 -7.55
C GLN A 73 24.57 0.59 -8.99
N LEU A 74 25.45 1.22 -9.75
CA LEU A 74 25.20 1.42 -11.15
C LEU A 74 26.11 0.57 -11.98
N ASN A 75 25.53 -0.32 -12.74
CA ASN A 75 26.33 -1.15 -13.59
C ASN A 75 26.24 -0.67 -15.01
N VAL A 76 27.37 -0.64 -15.67
CA VAL A 76 27.40 -0.24 -17.04
C VAL A 76 27.96 -1.33 -17.89
N ARG A 77 27.18 -1.83 -18.82
CA ARG A 77 27.65 -2.87 -19.71
C ARG A 77 28.08 -2.21 -21.00
N GLY A 78 29.14 -2.76 -21.59
CA GLY A 78 29.39 -4.20 -21.58
C GLY A 78 29.04 -4.78 -22.92
N ALA A 79 29.71 -4.27 -23.95
CA ALA A 79 29.53 -4.75 -25.30
C ALA A 79 30.83 -5.33 -25.80
N GLY A 80 30.76 -6.24 -26.77
CA GLY A 80 31.89 -6.93 -27.46
C GLY A 80 32.97 -6.05 -28.15
N VAL A 81 33.27 -4.88 -27.60
CA VAL A 81 34.16 -3.91 -28.18
C VAL A 81 35.60 -4.16 -27.82
N LYS A 82 36.45 -4.17 -28.83
CA LYS A 82 37.88 -4.34 -28.60
C LYS A 82 38.34 -3.23 -27.70
N ARG A 83 38.93 -3.60 -26.56
CA ARG A 83 39.35 -2.65 -25.54
C ARG A 83 40.15 -1.47 -26.08
N ALA A 84 41.07 -1.74 -26.99
CA ALA A 84 41.91 -0.72 -27.59
C ALA A 84 41.13 0.35 -28.36
N ASP A 85 39.92 0.04 -28.79
CA ASP A 85 39.10 0.96 -29.54
C ASP A 85 38.01 1.61 -28.69
N TRP A 86 38.03 1.34 -27.40
CA TRP A 86 37.02 1.87 -26.51
C TRP A 86 37.13 3.36 -26.35
N ASP A 87 36.02 4.06 -26.51
CA ASP A 87 36.03 5.50 -26.30
C ASP A 87 34.72 5.97 -25.66
N GLY A 88 34.00 5.05 -25.03
CA GLY A 88 32.75 5.40 -24.41
C GLY A 88 32.96 5.95 -23.01
N GLN A 89 32.26 7.02 -22.70
CA GLN A 89 32.34 7.61 -21.39
C GLN A 89 30.97 7.71 -20.78
N VAL A 90 30.92 7.56 -19.46
CA VAL A 90 29.68 7.65 -18.74
C VAL A 90 29.69 8.80 -17.76
N PHE A 91 28.72 9.67 -17.91
CA PHE A 91 28.61 10.78 -16.99
C PHE A 91 27.32 10.65 -16.25
N VAL A 92 27.36 10.65 -14.93
CA VAL A 92 26.10 10.54 -14.26
C VAL A 92 25.90 11.63 -13.26
N TYR A 93 24.63 11.99 -13.08
CA TYR A 93 24.33 13.08 -12.20
C TYR A 93 23.18 12.78 -11.28
N LEU A 94 23.31 13.18 -10.02
CA LEU A 94 22.16 13.10 -9.16
C LEU A 94 21.49 14.43 -9.19
N ARG A 95 20.19 14.45 -9.34
CA ARG A 95 19.48 15.70 -9.38
C ARG A 95 18.21 15.66 -8.57
N GLN A 96 17.84 16.81 -8.06
CA GLN A 96 16.61 16.91 -7.31
C GLN A 96 15.51 17.50 -8.18
N SER A 97 15.82 17.75 -9.44
CA SER A 97 14.87 18.31 -10.38
C SER A 97 15.41 18.31 -11.77
N MET A 98 14.55 18.10 -12.74
CA MET A 98 14.95 18.14 -14.12
C MET A 98 14.89 19.54 -14.70
N ASN A 99 14.50 20.52 -13.88
CA ASN A 99 14.43 21.88 -14.36
C ASN A 99 15.85 22.42 -14.52
N PRO A 100 16.15 23.14 -15.61
CA PRO A 100 17.44 23.72 -15.90
C PRO A 100 18.03 24.53 -14.77
N GLU A 101 17.18 25.18 -14.00
CA GLU A 101 17.57 26.01 -12.88
C GLU A 101 18.18 25.24 -11.72
N SER A 102 17.98 23.92 -11.67
CA SER A 102 18.53 23.14 -10.58
C SER A 102 19.90 22.63 -10.91
N TYR A 103 20.76 22.62 -9.90
CA TYR A 103 22.13 22.18 -10.06
C TYR A 103 22.29 20.74 -9.61
N ASP A 104 23.30 20.10 -10.15
CA ASP A 104 23.59 18.71 -9.85
C ASP A 104 23.99 18.53 -8.40
N ALA A 105 23.43 17.51 -7.76
CA ALA A 105 23.73 17.20 -6.38
C ALA A 105 24.98 16.35 -6.26
N ARG A 106 25.37 15.71 -7.36
CA ARG A 106 26.56 14.87 -7.38
C ARG A 106 26.90 14.45 -8.78
N THR A 107 28.18 14.49 -9.11
CA THR A 107 28.64 14.12 -10.44
C THR A 107 29.70 13.04 -10.42
N PHE A 108 29.56 12.04 -11.27
CA PHE A 108 30.60 11.02 -11.39
C PHE A 108 30.96 10.85 -12.85
N VAL A 109 32.22 10.55 -13.10
CA VAL A 109 32.66 10.31 -14.47
C VAL A 109 33.37 8.98 -14.55
N ILE A 110 32.92 8.15 -15.47
CA ILE A 110 33.47 6.82 -15.62
C ILE A 110 34.01 6.58 -17.02
N SER A 111 35.30 6.31 -17.11
CA SER A 111 35.93 6.04 -18.39
C SER A 111 36.51 4.64 -18.47
N GLN A 112 35.80 3.65 -17.93
CA GLN A 112 36.28 2.28 -17.94
C GLN A 112 35.91 1.54 -19.23
N PRO A 113 36.87 0.87 -19.88
CA PRO A 113 36.62 0.03 -21.00
C PRO A 113 35.78 -1.15 -20.63
N GLY A 114 35.03 -1.64 -21.58
CA GLY A 114 34.21 -2.79 -21.36
C GLY A 114 32.98 -2.48 -20.53
N SER A 115 33.16 -2.53 -19.21
CA SER A 115 32.08 -2.34 -18.29
C SER A 115 32.51 -1.58 -17.05
N ALA A 116 31.56 -1.19 -16.23
CA ALA A 116 31.87 -0.42 -15.03
C ALA A 116 30.90 -0.66 -13.90
N MET A 117 31.33 -0.31 -12.70
CA MET A 117 30.54 -0.50 -11.52
C MET A 117 30.73 0.65 -10.54
N LEU A 118 29.68 1.44 -10.35
CA LEU A 118 29.72 2.61 -9.50
C LEU A 118 28.85 2.52 -8.27
N ASN A 119 29.45 2.65 -7.09
CA ASN A 119 28.67 2.64 -5.87
C ASN A 119 28.58 4.02 -5.25
N PHE A 120 27.38 4.40 -4.85
CA PHE A 120 27.19 5.66 -4.17
C PHE A 120 25.91 5.59 -3.36
N SER A 121 25.68 6.59 -2.54
CA SER A 121 24.46 6.58 -1.75
C SER A 121 23.94 7.98 -1.58
N PHE A 122 22.68 8.09 -1.23
CA PHE A 122 22.09 9.39 -1.02
C PHE A 122 21.03 9.32 0.03
N ASP A 123 20.73 10.45 0.63
CA ASP A 123 19.74 10.47 1.68
C ASP A 123 18.43 11.06 1.26
N ILE A 124 17.38 10.44 1.74
CA ILE A 124 16.05 10.95 1.58
C ILE A 124 15.62 11.57 2.86
N ILE A 125 15.37 12.86 2.80
CA ILE A 125 14.95 13.55 3.98
C ILE A 125 14.14 14.75 3.60
N GLY A 126 13.01 14.89 4.24
CA GLY A 126 12.12 15.98 3.92
C GLY A 126 11.64 16.72 5.16
N PRO A 127 10.71 17.65 4.97
CA PRO A 127 10.18 18.52 5.97
C PRO A 127 9.18 17.91 6.93
N ASN A 128 8.62 16.76 6.59
CA ASN A 128 7.58 16.23 7.47
C ASN A 128 8.19 15.37 8.52
N SER A 129 8.73 16.01 9.55
CA SER A 129 9.41 15.32 10.63
C SER A 129 10.51 14.40 10.09
N GLY A 130 11.19 14.84 9.03
CA GLY A 130 12.26 14.08 8.41
C GLY A 130 11.81 13.32 7.17
N PHE A 131 10.52 13.28 6.88
CA PHE A 131 10.05 12.52 5.74
C PHE A 131 9.80 13.35 4.48
N GLU A 132 10.06 12.71 3.34
CA GLU A 132 9.92 13.32 2.03
C GLU A 132 8.89 12.61 1.16
N PHE A 133 8.06 13.38 0.47
CA PHE A 133 7.02 12.83 -0.40
C PHE A 133 7.20 13.08 -1.89
N ALA A 134 8.36 12.71 -2.41
CA ALA A 134 8.71 12.69 -3.84
C ALA A 134 7.79 13.45 -4.80
N GLU A 135 8.11 14.72 -5.05
CA GLU A 135 7.39 15.60 -5.99
C GLU A 135 6.04 16.10 -5.54
N SER A 136 5.66 15.88 -4.29
CA SER A 136 4.43 16.48 -3.82
C SER A 136 4.54 18.00 -3.83
N PRO A 137 3.50 18.71 -4.25
CA PRO A 137 3.42 20.14 -4.19
C PRO A 137 3.68 20.69 -2.80
N TRP A 138 3.36 19.90 -1.78
CA TRP A 138 3.57 20.35 -0.42
C TRP A 138 5.03 20.61 -0.17
N ALA A 139 5.32 21.82 0.27
CA ALA A 139 6.67 22.28 0.57
C ALA A 139 7.64 22.18 -0.62
N ASN A 140 7.11 22.07 -1.84
CA ASN A 140 7.94 21.95 -3.03
C ASN A 140 8.93 20.79 -2.96
N GLN A 141 8.50 19.67 -2.40
CA GLN A 141 9.34 18.49 -2.32
C GLN A 141 9.55 17.88 -3.69
N THR A 142 10.72 17.29 -3.90
CA THR A 142 11.00 16.67 -5.20
C THR A 142 11.61 15.29 -5.06
N THR A 143 11.63 14.55 -6.16
CA THR A 143 12.24 13.23 -6.17
C THR A 143 13.73 13.31 -6.48
N TRP A 144 14.32 12.15 -6.74
CA TRP A 144 15.71 12.06 -7.09
C TRP A 144 15.85 11.47 -8.46
N TYR A 145 16.71 12.07 -9.26
CA TYR A 145 16.89 11.61 -10.60
C TYR A 145 18.32 11.20 -10.79
N LEU A 146 18.52 10.17 -11.58
CA LEU A 146 19.84 9.75 -11.94
C LEU A 146 19.97 9.88 -13.43
N GLU A 147 20.72 10.89 -13.85
CA GLU A 147 20.87 11.12 -15.26
C GLU A 147 22.09 10.42 -15.76
N CYS A 148 21.93 9.58 -16.77
CA CYS A 148 23.06 8.87 -17.31
C CYS A 148 23.33 9.27 -18.75
N VAL A 149 24.54 9.74 -19.00
CA VAL A 149 24.92 10.15 -20.34
C VAL A 149 25.93 9.20 -20.93
N ALA A 150 25.67 8.75 -22.16
CA ALA A 150 26.57 7.85 -22.84
C ALA A 150 27.14 8.51 -24.09
N THR A 151 28.47 8.59 -24.17
CA THR A 151 29.06 9.25 -25.31
C THR A 151 29.17 8.35 -26.52
N ASN A 152 29.00 7.05 -26.35
CA ASN A 152 29.06 6.15 -27.48
C ASN A 152 28.08 5.00 -27.34
N PRO A 153 26.83 5.19 -27.78
CA PRO A 153 25.74 4.25 -27.73
C PRO A 153 26.01 2.88 -28.35
N ARG A 154 27.02 2.76 -29.18
CA ARG A 154 27.30 1.50 -29.81
C ARG A 154 28.28 0.67 -28.99
N GLN A 155 28.92 1.32 -28.02
CA GLN A 155 29.86 0.63 -27.16
C GLN A 155 29.22 0.41 -25.80
N ILE A 156 28.41 1.36 -25.37
CA ILE A 156 27.74 1.25 -24.11
C ILE A 156 26.32 0.77 -24.28
N GLN A 157 25.98 -0.32 -23.60
CA GLN A 157 24.64 -0.87 -23.66
C GLN A 157 23.83 -0.37 -22.48
N PHE A 159 22.60 0.29 -19.30
CA PHE A 159 22.66 0.76 -17.92
C PHE A 159 21.78 -0.07 -17.00
N GLU A 160 22.26 -0.30 -15.79
CA GLU A 160 21.52 -1.06 -14.81
C GLU A 160 21.59 -0.46 -13.42
N VAL A 161 20.44 -0.15 -12.86
CA VAL A 161 20.39 0.44 -11.53
C VAL A 161 19.96 -0.59 -10.51
N ASN A 162 20.82 -0.81 -9.52
CA ASN A 162 20.56 -1.70 -8.42
C ASN A 162 20.40 -0.88 -7.15
N MET A 163 19.48 -1.27 -6.28
CA MET A 163 19.25 -0.46 -5.09
C MET A 163 19.16 -1.27 -3.82
N ARG A 164 19.45 -0.60 -2.70
CA ARG A 164 19.36 -1.22 -1.39
C ARG A 164 18.99 -0.25 -0.30
N PHE A 165 18.10 -0.66 0.58
CA PHE A 165 17.73 0.20 1.68
C PHE A 165 18.67 0.03 2.85
N ASP A 166 19.14 1.15 3.38
CA ASP A 166 19.93 1.12 4.59
C ASP A 166 18.99 0.81 5.74
N PRO A 167 19.41 0.07 6.76
CA PRO A 167 18.61 -0.22 7.92
C PRO A 167 17.92 0.99 8.57
N ASN A 168 18.41 2.21 8.37
CA ASN A 168 17.73 3.37 8.93
C ASN A 168 16.54 3.85 8.07
N PHE A 169 16.24 3.14 6.99
CA PHE A 169 15.18 3.56 6.09
C PHE A 169 13.80 3.31 6.66
N ARG A 170 12.98 4.36 6.66
CA ARG A 170 11.64 4.31 7.19
C ARG A 170 10.60 4.80 6.20
N VAL A 171 9.39 4.24 6.28
CA VAL A 171 8.32 4.68 5.40
C VAL A 171 6.99 4.82 6.10
N ALA A 172 6.09 5.56 5.50
CA ALA A 172 4.74 5.69 6.03
C ALA A 172 3.77 6.17 4.96
N GLY A 173 2.54 5.71 5.04
CA GLY A 173 1.51 6.16 4.09
C GLY A 173 1.46 5.31 2.83
N ASN A 174 0.28 5.19 2.25
CA ASN A 174 0.11 4.40 1.05
C ASN A 174 -0.34 5.19 -0.19
N ILE A 175 0.31 4.89 -1.31
CA ILE A 175 -0.05 5.46 -2.59
C ILE A 175 -0.81 4.46 -3.44
N LEU A 176 -1.93 4.90 -3.99
CA LEU A 176 -2.71 4.02 -4.82
C LEU A 176 -2.09 3.93 -6.17
N MET A 177 -1.35 2.87 -6.36
CA MET A 177 -0.75 2.60 -7.64
C MET A 177 -1.66 1.79 -8.54
N PRO A 178 -1.47 1.90 -9.85
CA PRO A 178 -2.08 1.07 -10.83
C PRO A 178 -1.41 -0.29 -10.77
N PRO A 179 -1.98 -1.32 -11.39
CA PRO A 179 -1.40 -2.62 -11.45
C PRO A 179 0.00 -2.56 -12.01
N PHE A 180 0.88 -3.40 -11.48
CA PHE A 180 2.25 -3.41 -11.91
C PHE A 180 2.48 -4.54 -12.86
N PRO A 181 2.88 -4.27 -14.09
CA PRO A 181 3.07 -5.28 -15.08
C PRO A 181 4.27 -6.12 -14.76
N LEU A 182 4.17 -7.40 -15.03
CA LEU A 182 5.23 -8.34 -14.79
C LEU A 182 6.35 -8.18 -15.82
N SER A 183 7.57 -8.46 -15.41
CA SER A 183 8.72 -8.33 -16.31
C SER A 183 8.58 -9.25 -17.51
N MET B 1 -13.59 54.38 21.27
CA MET B 1 -12.59 53.97 22.25
C MET B 1 -11.36 53.37 21.60
N GLU B 2 -10.20 53.79 22.07
CA GLU B 2 -8.93 53.29 21.54
C GLU B 2 -8.47 52.09 22.33
N GLN B 3 -7.74 51.20 21.66
CA GLN B 3 -7.27 49.98 22.28
C GLN B 3 -6.03 49.43 21.61
N ASN B 4 -5.12 48.90 22.42
CA ASN B 4 -3.89 48.32 21.89
C ASN B 4 -4.17 47.04 21.14
N LEU B 5 -4.52 47.17 19.87
CA LEU B 5 -4.90 46.06 19.02
C LEU B 5 -3.84 44.99 18.93
N PHE B 6 -2.58 45.40 18.93
CA PHE B 6 -1.47 44.47 18.86
C PHE B 6 -1.50 43.44 19.99
N ALA B 7 -1.94 43.85 21.17
CA ALA B 7 -1.95 42.98 22.33
C ALA B 7 -3.17 42.06 22.39
N LEU B 8 -4.05 42.11 21.40
CA LEU B 8 -5.22 41.25 21.40
C LEU B 8 -4.88 39.83 21.06
N SER B 9 -5.72 38.90 21.53
CA SER B 9 -5.54 37.47 21.30
C SER B 9 -5.97 37.02 19.91
N LEU B 10 -5.39 37.63 18.89
CA LEU B 10 -5.72 37.33 17.51
C LEU B 10 -4.70 36.41 16.88
N ASP B 11 -3.78 35.92 17.70
CA ASP B 11 -2.77 34.99 17.24
C ASP B 11 -3.01 33.63 17.84
N ASP B 12 -4.28 33.24 17.89
CA ASP B 12 -4.67 31.96 18.43
C ASP B 12 -4.31 30.86 17.47
N THR B 13 -3.28 30.09 17.82
CA THR B 13 -2.82 29.01 16.98
C THR B 13 -3.22 27.65 17.52
N SER B 14 -4.20 27.63 18.42
CA SER B 14 -4.65 26.36 18.94
C SER B 14 -5.45 25.61 17.89
N SER B 15 -5.55 24.31 18.06
CA SER B 15 -6.26 23.47 17.12
C SER B 15 -7.75 23.50 17.34
N VAL B 16 -8.47 22.87 16.43
CA VAL B 16 -9.91 22.77 16.54
C VAL B 16 -10.21 21.91 17.75
N ARG B 17 -11.13 22.37 18.59
CA ARG B 17 -11.41 21.65 19.82
C ARG B 17 -12.68 22.13 20.50
N GLY B 18 -13.46 21.17 20.98
CA GLY B 18 -14.72 21.49 21.63
C GLY B 18 -15.64 20.28 21.65
N SER B 19 -16.92 20.55 21.41
CA SER B 19 -17.95 19.52 21.37
C SER B 19 -17.98 18.89 20.00
N LEU B 20 -18.78 17.86 19.84
CA LEU B 20 -18.88 17.27 18.52
C LEU B 20 -19.52 18.25 17.56
N LEU B 21 -20.51 19.01 18.02
CA LEU B 21 -21.19 19.95 17.15
C LEU B 21 -20.28 21.03 16.63
N ASP B 22 -19.46 21.62 17.50
CA ASP B 22 -18.60 22.68 17.00
C ASP B 22 -17.26 22.19 16.48
N THR B 23 -17.16 20.90 16.21
CA THR B 23 -15.99 20.37 15.56
C THR B 23 -16.37 19.70 14.25
N LYS B 24 -17.64 19.83 13.84
CA LYS B 24 -18.01 19.27 12.55
C LYS B 24 -17.56 20.21 11.47
N PHE B 25 -16.99 19.66 10.42
CA PHE B 25 -16.56 20.55 9.36
C PHE B 25 -17.12 20.19 8.00
N ALA B 26 -17.61 18.97 7.82
CA ALA B 26 -18.17 18.66 6.52
C ALA B 26 -19.03 17.44 6.51
N GLN B 27 -19.97 17.37 5.56
CA GLN B 27 -20.79 16.19 5.41
C GLN B 27 -20.95 15.83 3.94
N THR B 28 -20.99 14.53 3.63
CA THR B 28 -21.13 14.13 2.23
C THR B 28 -22.18 13.04 2.04
N ARG B 29 -22.59 12.86 0.80
CA ARG B 29 -23.54 11.82 0.44
C ARG B 29 -22.90 10.80 -0.47
N VAL B 30 -23.17 9.53 -0.18
CA VAL B 30 -22.67 8.45 -1.00
C VAL B 30 -23.84 7.69 -1.56
N LEU B 31 -24.02 7.75 -2.87
CA LEU B 31 -25.15 7.09 -3.47
C LEU B 31 -24.88 5.62 -3.77
N LEU B 32 -25.62 4.77 -3.08
CA LEU B 32 -25.52 3.32 -3.26
C LEU B 32 -26.64 2.85 -4.15
N SER B 33 -26.33 2.50 -5.38
CA SER B 33 -27.38 1.99 -6.22
C SER B 33 -27.91 0.71 -5.63
N LYS B 34 -29.22 0.52 -5.74
CA LYS B 34 -29.85 -0.73 -5.30
C LYS B 34 -29.32 -1.93 -6.09
N ALA B 35 -28.69 -1.68 -7.23
CA ALA B 35 -28.06 -2.71 -8.02
C ALA B 35 -26.58 -2.42 -8.15
N MET B 36 -25.78 -2.88 -7.19
CA MET B 36 -24.33 -2.65 -7.23
C MET B 36 -23.60 -3.95 -7.02
N ALA B 37 -22.28 -3.93 -7.17
CA ALA B 37 -21.53 -5.18 -7.03
C ALA B 37 -20.18 -4.99 -6.36
N GLY B 38 -19.50 -6.10 -6.10
CA GLY B 38 -18.20 -6.02 -5.47
C GLY B 38 -17.21 -5.31 -6.37
N GLY B 39 -16.38 -4.47 -5.77
CA GLY B 39 -15.41 -3.69 -6.49
C GLY B 39 -16.04 -2.45 -7.15
N ASP B 40 -17.27 -2.14 -6.75
CA ASP B 40 -17.99 -1.03 -7.35
C ASP B 40 -17.77 0.25 -6.56
N VAL B 41 -16.96 1.13 -7.11
CA VAL B 41 -16.63 2.38 -6.43
C VAL B 41 -17.85 3.26 -6.26
N LEU B 42 -18.06 3.73 -5.04
CA LEU B 42 -19.19 4.57 -4.73
C LEU B 42 -18.78 6.03 -4.63
N LEU B 43 -17.63 6.28 -4.01
CA LEU B 43 -17.11 7.62 -3.87
C LEU B 43 -15.62 7.64 -4.06
N ASP B 44 -15.14 8.57 -4.84
CA ASP B 44 -13.72 8.66 -5.07
C ASP B 44 -13.28 10.08 -5.30
N GLU B 45 -12.77 10.72 -4.25
CA GLU B 45 -12.36 12.11 -4.35
C GLU B 45 -11.18 12.42 -3.46
N TYR B 46 -10.87 13.69 -3.34
CA TYR B 46 -9.81 14.13 -2.47
C TYR B 46 -10.36 14.42 -1.12
N LEU B 47 -9.60 14.11 -0.10
CA LEU B 47 -10.00 14.38 1.26
C LEU B 47 -10.30 15.84 1.45
N TYR B 48 -9.39 16.68 0.98
CA TYR B 48 -9.56 18.11 1.12
C TYR B 48 -10.87 18.57 0.52
N ASP B 49 -11.13 18.18 -0.72
CA ASP B 49 -12.35 18.56 -1.44
C ASP B 49 -13.66 18.30 -0.72
N VAL B 50 -13.66 17.45 0.30
CA VAL B 50 -14.84 17.22 1.11
C VAL B 50 -15.47 18.51 1.63
N VAL B 51 -14.64 19.53 1.90
CA VAL B 51 -15.12 20.81 2.47
C VAL B 51 -15.78 21.73 1.48
N ASN B 52 -15.75 21.41 0.20
CA ASN B 52 -16.30 22.32 -0.77
C ASN B 52 -17.80 22.45 -0.59
N GLY B 53 -18.24 23.69 -0.43
CA GLY B 53 -19.66 23.99 -0.28
C GLY B 53 -20.18 23.67 1.13
N GLN B 54 -19.30 23.41 2.09
CA GLN B 54 -19.78 23.03 3.40
C GLN B 54 -19.89 24.24 4.32
N ASP B 55 -20.89 24.22 5.18
CA ASP B 55 -21.21 25.32 6.08
C ASP B 55 -21.41 24.92 7.53
N PHE B 56 -20.42 24.26 8.13
CA PHE B 56 -20.57 23.81 9.49
C PHE B 56 -19.74 24.65 10.44
N ARG B 57 -19.98 24.47 11.72
CA ARG B 57 -19.32 25.27 12.75
C ARG B 57 -17.81 25.27 12.67
N ALA B 58 -17.20 24.15 12.35
CA ALA B 58 -15.75 24.12 12.26
C ALA B 58 -15.25 24.08 10.82
N THR B 59 -16.10 24.39 9.83
CA THR B 59 -15.60 24.36 8.46
C THR B 59 -14.51 25.37 8.28
N VAL B 60 -14.75 26.56 8.80
CA VAL B 60 -13.79 27.63 8.70
C VAL B 60 -12.56 27.34 9.53
N ALA B 61 -12.77 26.93 10.78
CA ALA B 61 -11.68 26.63 11.67
C ALA B 61 -10.78 25.56 11.10
N PHE B 62 -11.38 24.53 10.52
CA PHE B 62 -10.66 23.46 9.87
C PHE B 62 -9.79 23.98 8.74
N LEU B 63 -10.39 24.77 7.86
CA LEU B 63 -9.67 25.29 6.72
C LEU B 63 -8.66 26.37 7.02
N ARG B 64 -8.84 27.11 8.10
CA ARG B 64 -7.94 28.21 8.36
C ARG B 64 -6.87 27.88 9.37
N THR B 65 -7.20 27.12 10.41
CA THR B 65 -6.20 26.76 11.39
C THR B 65 -5.08 26.02 10.70
N HIS B 66 -3.90 26.62 10.67
CA HIS B 66 -2.75 26.04 9.99
C HIS B 66 -2.03 24.89 10.69
N VAL B 67 -2.52 24.47 11.85
CA VAL B 67 -1.95 23.32 12.52
C VAL B 67 -2.95 22.65 13.44
N ILE B 68 -3.15 21.36 13.24
CA ILE B 68 -4.10 20.59 14.02
C ILE B 68 -3.44 19.36 14.61
N THR B 69 -3.57 19.19 15.92
CA THR B 69 -2.94 18.07 16.61
C THR B 69 -3.89 16.91 16.87
N GLY B 70 -5.17 17.12 16.59
CA GLY B 70 -6.19 16.11 16.80
C GLY B 70 -6.31 15.17 15.60
N LYS B 71 -7.40 14.43 15.55
CA LYS B 71 -7.62 13.48 14.46
C LYS B 71 -8.89 13.76 13.71
N ILE B 72 -9.01 13.15 12.54
CA ILE B 72 -10.22 13.31 11.78
C ILE B 72 -11.11 12.14 12.04
N LYS B 73 -12.31 12.42 12.50
CA LYS B 73 -13.27 11.38 12.77
C LYS B 73 -14.32 11.32 11.71
N VAL B 74 -14.58 10.12 11.25
CA VAL B 74 -15.60 9.93 10.25
C VAL B 74 -16.71 9.12 10.80
N THR B 75 -17.91 9.67 10.73
CA THR B 75 -19.06 8.92 11.16
C THR B 75 -19.87 8.57 9.94
N ALA B 76 -20.17 7.30 9.80
CA ALA B 76 -20.96 6.85 8.69
C ALA B 76 -22.33 6.47 9.19
N THR B 77 -23.35 6.95 8.51
CA THR B 77 -24.70 6.61 8.88
C THR B 77 -25.40 5.95 7.74
N THR B 78 -25.85 4.74 7.98
CA THR B 78 -26.58 3.99 6.96
C THR B 78 -27.11 2.73 7.57
N ASN B 79 -28.29 2.33 7.18
CA ASN B 79 -28.86 1.14 7.75
C ASN B 79 -29.90 0.54 6.86
N ILE B 80 -29.82 -0.76 6.71
CA ILE B 80 -30.78 -1.47 5.90
C ILE B 80 -31.29 -2.67 6.64
N SER B 81 -32.57 -2.96 6.43
CA SER B 81 -33.23 -4.11 7.01
C SER B 81 -32.42 -5.37 6.97
N ASP B 82 -32.64 -6.22 7.98
CA ASP B 82 -31.98 -7.52 8.12
C ASP B 82 -32.19 -8.43 6.91
N ASN B 83 -33.17 -8.13 6.07
CA ASN B 83 -33.43 -8.90 4.87
C ASN B 83 -32.26 -8.86 3.91
N SER B 84 -31.40 -7.84 4.04
CA SER B 84 -30.26 -7.72 3.16
C SER B 84 -29.01 -7.34 3.92
N GLY B 85 -27.98 -6.95 3.18
CA GLY B 85 -26.72 -6.59 3.76
C GLY B 85 -25.69 -6.44 2.67
N CYS B 86 -24.63 -5.73 2.98
CA CYS B 86 -23.57 -5.50 1.99
C CYS B 86 -22.31 -5.10 2.70
N CYS B 87 -21.22 -5.00 1.97
CA CYS B 87 -20.00 -4.57 2.63
C CYS B 87 -19.47 -3.30 2.07
N LEU B 88 -19.41 -2.29 2.92
CA LEU B 88 -18.88 -1.01 2.52
C LEU B 88 -17.55 -0.78 3.14
N MET B 89 -16.64 -0.21 2.36
CA MET B 89 -15.37 0.12 2.94
C MET B 89 -14.99 1.54 2.63
N LEU B 90 -14.53 2.23 3.65
CA LEU B 90 -14.08 3.60 3.48
C LEU B 90 -12.62 3.62 3.77
N ALA B 91 -11.82 4.24 2.92
CA ALA B 91 -10.40 4.20 3.19
C ALA B 91 -9.69 5.46 2.83
N ILE B 92 -8.67 5.75 3.61
CA ILE B 92 -7.84 6.93 3.45
C ILE B 92 -6.48 6.53 2.92
N ASN B 93 -6.07 7.18 1.85
CA ASN B 93 -4.77 6.92 1.25
C ASN B 93 -4.01 8.22 1.11
N SER B 94 -2.71 8.13 1.16
CA SER B 94 -1.89 9.32 1.11
C SER B 94 -1.81 9.95 -0.27
N GLY B 95 -1.86 9.15 -1.31
CA GLY B 95 -1.84 9.74 -2.66
C GLY B 95 -2.07 8.72 -3.75
N VAL B 96 -1.97 9.15 -5.01
CA VAL B 96 -2.18 8.27 -6.17
C VAL B 96 -1.17 8.49 -7.28
N ARG B 97 -1.11 7.54 -8.22
CA ARG B 97 -0.31 7.70 -9.43
C ARG B 97 -1.04 7.35 -10.72
N GLY B 98 -2.19 8.00 -10.97
CA GLY B 98 -3.00 7.85 -12.20
C GLY B 98 -3.49 6.44 -12.58
N LYS B 99 -4.78 6.35 -12.88
CA LYS B 99 -5.43 5.09 -13.27
C LYS B 99 -5.15 3.98 -12.30
N TYR B 100 -5.13 4.34 -11.03
CA TYR B 100 -4.83 3.44 -9.95
C TYR B 100 -5.87 2.39 -9.74
N SER B 101 -5.46 1.30 -9.09
CA SER B 101 -6.40 0.24 -8.80
C SER B 101 -7.41 0.66 -7.78
N THR B 102 -8.62 0.19 -7.98
CA THR B 102 -9.69 0.47 -7.05
C THR B 102 -10.08 -0.78 -6.32
N ASP B 103 -9.29 -1.84 -6.48
CA ASP B 103 -9.56 -3.08 -5.79
C ASP B 103 -9.37 -2.90 -4.31
N VAL B 104 -10.27 -3.46 -3.51
CA VAL B 104 -10.24 -3.40 -2.05
C VAL B 104 -8.87 -3.70 -1.45
N TYR B 105 -8.11 -4.56 -2.10
CA TYR B 105 -6.76 -4.91 -1.70
C TYR B 105 -5.83 -3.71 -1.63
N THR B 106 -5.88 -2.88 -2.66
CA THR B 106 -5.02 -1.71 -2.78
C THR B 106 -5.61 -0.57 -1.99
N ILE B 107 -6.92 -0.39 -2.11
CA ILE B 107 -7.63 0.71 -1.48
C ILE B 107 -7.52 0.75 0.03
N CYS B 108 -7.54 -0.41 0.68
CA CYS B 108 -7.43 -0.45 2.13
C CYS B 108 -6.00 -0.11 2.61
N SER B 109 -5.27 -1.10 3.10
CA SER B 109 -3.86 -1.00 3.57
C SER B 109 -3.53 0.05 4.63
N GLN B 110 -3.65 1.33 4.29
CA GLN B 110 -3.34 2.42 5.21
C GLN B 110 -4.38 2.57 6.34
N ASP B 111 -5.41 3.39 6.14
CA ASP B 111 -6.44 3.59 7.16
C ASP B 111 -7.82 3.28 6.60
N SER B 112 -8.66 2.56 7.35
CA SER B 112 -9.97 2.26 6.80
C SER B 112 -11.04 1.78 7.76
N MET B 113 -12.26 1.71 7.23
CA MET B 113 -13.44 1.20 7.92
C MET B 113 -14.11 0.16 7.10
N THR B 114 -14.51 -0.93 7.72
CA THR B 114 -15.27 -1.94 7.02
C THR B 114 -16.49 -2.29 7.82
N TRP B 115 -17.67 -2.19 7.23
CA TRP B 115 -18.85 -2.53 8.00
C TRP B 115 -19.99 -2.98 7.11
N ASN B 116 -21.01 -3.52 7.74
CA ASN B 116 -22.16 -4.00 7.04
C ASN B 116 -23.42 -3.32 7.54
N PRO B 117 -24.04 -2.42 6.75
CA PRO B 117 -25.26 -1.70 7.05
C PRO B 117 -26.44 -2.58 7.50
N GLY B 118 -26.39 -3.88 7.20
CA GLY B 118 -27.44 -4.78 7.63
C GLY B 118 -27.26 -5.23 9.09
N CYS B 119 -26.15 -4.83 9.69
CA CYS B 119 -25.86 -5.18 11.07
C CYS B 119 -25.63 -3.93 11.91
N LYS B 120 -24.94 -2.95 11.36
CA LYS B 120 -24.65 -1.72 12.07
C LYS B 120 -25.60 -0.60 11.70
N LYS B 121 -25.90 0.24 12.68
CA LYS B 121 -26.75 1.40 12.48
C LYS B 121 -25.90 2.55 11.97
N ASN B 122 -24.68 2.58 12.46
CA ASN B 122 -23.71 3.57 12.09
C ASN B 122 -22.34 3.00 12.32
N PHE B 123 -21.31 3.75 11.98
CA PHE B 123 -19.98 3.22 12.17
C PHE B 123 -19.01 4.39 12.19
N SER B 124 -17.99 4.32 13.05
CA SER B 124 -17.09 5.46 13.11
C SER B 124 -15.64 5.09 13.22
N PHE B 125 -14.79 6.05 12.87
CA PHE B 125 -13.36 5.83 12.82
C PHE B 125 -12.53 7.09 12.84
N THR B 126 -11.43 7.06 13.57
CA THR B 126 -10.58 8.23 13.59
C THR B 126 -9.26 7.95 12.91
N PHE B 127 -8.65 8.98 12.33
CA PHE B 127 -7.37 8.76 11.69
C PHE B 127 -6.46 9.98 11.68
N ASN B 128 -5.19 9.67 11.47
CA ASN B 128 -4.09 10.61 11.42
C ASN B 128 -3.66 10.92 9.99
N PRO B 129 -4.34 11.80 9.25
CA PRO B 129 -4.04 12.06 7.85
C PRO B 129 -2.54 12.32 7.54
N ASN B 130 -1.76 12.69 8.56
CA ASN B 130 -0.31 12.78 8.43
C ASN B 130 0.31 11.57 9.10
N PRO B 131 0.49 10.45 8.39
CA PRO B 131 0.93 9.20 8.94
C PRO B 131 2.30 9.23 9.60
N CYS B 132 3.08 10.29 9.41
CA CYS B 132 4.40 10.27 10.02
C CYS B 132 4.68 11.53 10.79
N GLY B 133 3.65 12.11 11.40
CA GLY B 133 3.86 13.28 12.22
C GLY B 133 2.78 13.40 13.28
N ASP B 134 2.93 14.43 14.12
CA ASP B 134 1.97 14.67 15.19
C ASP B 134 0.98 15.76 14.86
N SER B 135 1.05 16.30 13.65
CA SER B 135 0.14 17.37 13.30
C SER B 135 -0.06 17.47 11.81
N TRP B 136 -1.12 18.15 11.43
CA TRP B 136 -1.47 18.30 10.03
C TRP B 136 -2.33 19.52 9.79
N SER B 137 -2.58 19.82 8.53
CA SER B 137 -3.42 20.96 8.21
C SER B 137 -4.22 20.72 6.97
N ALA B 138 -5.24 21.55 6.78
CA ALA B 138 -6.07 21.47 5.61
C ALA B 138 -5.26 21.75 4.36
N GLU B 139 -4.30 22.66 4.49
CA GLU B 139 -3.46 23.01 3.37
C GLU B 139 -2.57 21.84 3.02
N MET B 140 -2.08 21.14 4.04
CA MET B 140 -1.25 19.97 3.82
C MET B 140 -2.00 18.90 3.05
N ILE B 141 -3.21 18.57 3.47
CA ILE B 141 -3.92 17.51 2.76
C ILE B 141 -4.33 17.94 1.35
N SER B 142 -4.47 19.25 1.14
CA SER B 142 -4.75 19.75 -0.19
C SER B 142 -3.58 19.58 -1.12
N ARG B 143 -2.39 19.98 -0.68
CA ARG B 143 -1.21 19.93 -1.53
C ARG B 143 -0.54 18.57 -1.57
N SER B 144 -0.71 17.76 -0.53
CA SER B 144 -0.18 16.41 -0.53
C SER B 144 -1.11 15.46 -1.28
N ARG B 145 -2.29 15.97 -1.64
CA ARG B 145 -3.28 15.26 -2.44
C ARG B 145 -3.79 14.01 -1.75
N VAL B 146 -4.24 14.16 -0.51
CA VAL B 146 -4.78 13.03 0.24
C VAL B 146 -6.09 12.60 -0.34
N ARG B 147 -6.28 11.29 -0.49
CA ARG B 147 -7.46 10.74 -1.11
C ARG B 147 -8.31 9.92 -0.19
N MET B 148 -9.57 9.84 -0.52
CA MET B 148 -10.43 8.97 0.24
C MET B 148 -11.46 8.37 -0.66
N THR B 149 -11.77 7.11 -0.41
CA THR B 149 -12.75 6.45 -1.23
C THR B 149 -13.75 5.66 -0.43
N VAL B 150 -14.87 5.38 -1.06
CA VAL B 150 -15.88 4.52 -0.50
C VAL B 150 -16.18 3.50 -1.55
N ILE B 151 -16.10 2.24 -1.19
CA ILE B 151 -16.29 1.22 -2.18
C ILE B 151 -17.11 0.05 -1.71
N CYS B 152 -17.91 -0.46 -2.64
CA CYS B 152 -18.70 -1.62 -2.38
C CYS B 152 -17.85 -2.85 -2.56
N VAL B 153 -17.51 -3.48 -1.45
CA VAL B 153 -16.70 -4.69 -1.43
C VAL B 153 -17.55 -5.87 -1.80
N SER B 154 -18.74 -5.92 -1.21
CA SER B 154 -19.71 -6.96 -1.51
C SER B 154 -21.04 -6.33 -1.82
N GLY B 155 -21.65 -6.78 -2.91
CA GLY B 155 -22.92 -6.26 -3.36
C GLY B 155 -24.04 -6.66 -2.42
N TRP B 156 -25.24 -6.16 -2.68
CA TRP B 156 -26.36 -6.44 -1.82
C TRP B 156 -26.72 -7.90 -1.84
N THR B 157 -27.02 -8.48 -0.69
CA THR B 157 -27.51 -9.86 -0.69
C THR B 157 -28.89 -9.86 -1.32
N LEU B 158 -29.70 -8.89 -0.93
CA LEU B 158 -31.02 -8.70 -1.48
C LEU B 158 -31.18 -7.23 -1.86
N SER B 159 -31.52 -6.96 -3.11
CA SER B 159 -31.57 -5.58 -3.57
C SER B 159 -32.63 -4.74 -2.83
N PRO B 160 -32.28 -3.51 -2.41
CA PRO B 160 -33.17 -2.55 -1.82
C PRO B 160 -34.26 -2.14 -2.78
N THR B 161 -35.38 -1.66 -2.24
CA THR B 161 -36.47 -1.19 -3.08
C THR B 161 -36.03 -0.01 -3.92
N THR B 162 -35.34 0.93 -3.30
CA THR B 162 -34.83 2.12 -3.98
C THR B 162 -33.37 2.32 -3.62
N ASP B 163 -32.74 3.25 -4.30
CA ASP B 163 -31.34 3.57 -4.04
C ASP B 163 -31.17 4.10 -2.62
N VAL B 164 -30.00 3.85 -2.04
CA VAL B 164 -29.72 4.25 -0.67
C VAL B 164 -28.62 5.26 -0.56
N ILE B 165 -28.85 6.32 0.20
CA ILE B 165 -27.79 7.29 0.37
C ILE B 165 -27.15 7.17 1.73
N ALA B 166 -25.87 6.82 1.73
CA ALA B 166 -25.14 6.73 2.97
C ALA B 166 -24.61 8.12 3.27
N LYS B 167 -24.52 8.47 4.53
CA LYS B 167 -24.05 9.80 4.82
C LYS B 167 -22.82 9.82 5.69
N LEU B 168 -21.86 10.64 5.30
CA LEU B 168 -20.63 10.75 6.06
C LEU B 168 -20.58 12.06 6.79
N ASP B 169 -20.07 12.03 8.00
CA ASP B 169 -19.97 13.21 8.83
C ASP B 169 -18.54 13.36 9.31
N TRP B 170 -17.90 14.42 8.86
CA TRP B 170 -16.50 14.66 9.13
C TRP B 170 -16.30 15.66 10.24
N SER B 171 -15.54 15.28 11.26
CA SER B 171 -15.31 16.16 12.40
C SER B 171 -13.93 16.00 13.00
N ILE B 172 -13.54 16.96 13.84
CA ILE B 172 -12.24 16.90 14.50
C ILE B 172 -12.37 16.47 15.94
N VAL B 173 -11.53 15.53 16.37
CA VAL B 173 -11.57 15.07 17.74
C VAL B 173 -10.25 15.29 18.43
N ASN B 174 -10.30 15.36 19.76
CA ASN B 174 -9.11 15.62 20.57
C ASN B 174 -8.17 14.43 20.77
N GLU B 175 -8.36 13.33 20.03
CA GLU B 175 -7.44 12.22 20.17
C GLU B 175 -6.10 12.65 19.65
N LYS B 176 -5.04 12.24 20.32
CA LYS B 176 -3.71 12.63 19.88
C LYS B 176 -3.32 11.98 18.57
N CYS B 177 -2.99 12.81 17.59
CA CYS B 177 -2.57 12.30 16.31
C CYS B 177 -1.22 11.62 16.38
N GLU B 178 -1.21 10.33 16.67
CA GLU B 178 0.04 9.59 16.70
C GLU B 178 0.34 9.00 15.31
N PRO B 179 1.61 8.96 14.90
CA PRO B 179 2.08 8.44 13.65
C PRO B 179 2.16 6.92 13.57
N THR B 180 2.17 6.42 12.35
CA THR B 180 2.36 4.99 12.08
C THR B 180 3.51 4.86 11.11
N ILE B 181 4.67 4.52 11.62
CA ILE B 181 5.86 4.46 10.81
C ILE B 181 6.47 3.08 10.76
N TYR B 182 6.82 2.66 9.57
CA TYR B 182 7.42 1.37 9.34
C TYR B 182 8.91 1.47 9.26
N HIS B 183 9.58 0.47 9.80
CA HIS B 183 11.03 0.46 9.78
C HIS B 183 11.57 -0.94 9.67
N LEU B 184 12.87 -1.03 9.49
CA LEU B 184 13.54 -2.28 9.21
C LEU B 184 14.10 -3.04 10.39
N ALA B 185 13.64 -2.78 11.61
CA ALA B 185 14.16 -3.62 12.68
C ALA B 185 13.69 -5.05 12.44
N ASP B 186 14.52 -6.02 12.76
CA ASP B 186 14.16 -7.42 12.54
C ASP B 186 13.32 -8.01 13.67
N CYS B 187 12.99 -7.18 14.65
CA CYS B 187 12.13 -7.61 15.74
C CYS B 187 11.22 -6.47 16.12
N GLN B 188 9.93 -6.64 15.89
CA GLN B 188 8.98 -5.57 16.17
C GLN B 188 7.81 -6.05 16.98
N ASN B 189 7.37 -5.22 17.92
CA ASN B 189 6.27 -5.60 18.78
C ASN B 189 4.94 -5.65 18.05
N TRP B 190 4.75 -4.71 17.14
CA TRP B 190 3.50 -4.68 16.40
C TRP B 190 3.67 -4.11 15.02
N LEU B 191 3.26 -4.88 14.03
CA LEU B 191 3.34 -4.50 12.65
C LEU B 191 1.97 -4.47 11.98
N PRO B 192 1.40 -3.29 11.75
CA PRO B 192 0.14 -3.14 11.07
C PRO B 192 0.24 -3.54 9.62
N LEU B 193 -0.64 -4.40 9.15
CA LEU B 193 -0.58 -4.75 7.74
C LEU B 193 -1.87 -4.49 6.97
N ASN B 194 -3.02 -4.71 7.61
CA ASN B 194 -4.31 -4.49 6.97
C ASN B 194 -4.37 -5.13 5.58
N ARG B 195 -3.98 -6.38 5.47
CA ARG B 195 -3.94 -7.04 4.18
C ARG B 195 -5.24 -7.70 3.85
N TRP B 196 -5.79 -7.37 2.71
CA TRP B 196 -7.02 -8.01 2.34
C TRP B 196 -6.70 -9.41 1.89
N MET B 197 -6.88 -10.35 2.81
CA MET B 197 -6.57 -11.74 2.55
C MET B 197 -7.45 -12.26 1.45
N GLY B 198 -8.71 -11.84 1.47
CA GLY B 198 -9.57 -12.22 0.38
C GLY B 198 -11.04 -12.18 0.69
N LYS B 199 -11.81 -12.29 -0.38
CA LYS B 199 -13.24 -12.34 -0.34
C LYS B 199 -13.65 -13.77 -0.54
N LEU B 200 -14.28 -14.35 0.46
CA LEU B 200 -14.64 -15.74 0.42
C LEU B 200 -16.09 -15.92 0.07
N THR B 201 -16.36 -16.35 -1.15
CA THR B 201 -17.73 -16.60 -1.54
C THR B 201 -18.09 -18.04 -1.35
N PHE B 202 -18.99 -18.29 -0.42
CA PHE B 202 -19.48 -19.63 -0.18
C PHE B 202 -20.94 -19.72 -0.62
N PRO B 203 -21.23 -20.44 -1.70
CA PRO B 203 -22.55 -20.59 -2.23
C PRO B 203 -23.40 -21.46 -1.33
N GLN B 204 -24.71 -21.26 -1.39
CA GLN B 204 -25.59 -22.08 -0.57
C GLN B 204 -25.60 -23.50 -1.09
N GLY B 205 -25.68 -24.45 -0.16
CA GLY B 205 -25.70 -25.85 -0.54
C GLY B 205 -25.19 -26.75 0.56
N VAL B 206 -25.07 -28.02 0.23
CA VAL B 206 -24.60 -29.03 1.17
C VAL B 206 -23.27 -29.59 0.75
N THR B 207 -22.54 -28.85 -0.04
CA THR B 207 -21.24 -29.29 -0.49
C THR B 207 -20.19 -28.92 0.54
N SER B 208 -19.01 -29.52 0.43
CA SER B 208 -17.95 -29.19 1.35
C SER B 208 -17.10 -28.09 0.77
N GLU B 209 -17.41 -26.85 1.14
CA GLU B 209 -16.66 -25.74 0.61
C GLU B 209 -15.50 -25.38 1.50
N VAL B 210 -14.33 -25.38 0.90
CA VAL B 210 -13.09 -25.06 1.57
C VAL B 210 -12.36 -23.97 0.83
N ARG B 211 -11.84 -23.01 1.56
CA ARG B 211 -11.09 -21.94 0.92
C ARG B 211 -9.72 -21.84 1.53
N ARG B 212 -8.75 -21.52 0.70
CA ARG B 212 -7.40 -21.42 1.15
C ARG B 212 -6.86 -20.05 0.88
N MET B 213 -6.01 -19.56 1.78
CA MET B 213 -5.36 -18.31 1.53
C MET B 213 -4.01 -18.38 2.21
N PRO B 214 -2.94 -18.07 1.51
CA PRO B 214 -1.61 -18.24 1.98
C PRO B 214 -1.18 -17.27 3.01
N LEU B 215 -0.29 -17.74 3.86
CA LEU B 215 0.32 -16.86 4.82
C LEU B 215 1.59 -16.24 4.22
N SER B 216 1.94 -16.66 3.00
CA SER B 216 3.04 -16.06 2.24
C SER B 216 2.49 -14.86 1.49
N ILE B 217 2.15 -13.85 2.31
CA ILE B 217 1.51 -12.59 1.97
C ILE B 217 2.24 -11.58 1.11
N GLY B 218 3.52 -11.79 0.84
CA GLY B 218 4.24 -10.82 0.03
C GLY B 218 4.01 -11.08 -1.44
N GLY B 219 4.52 -10.17 -2.27
CA GLY B 219 4.40 -10.30 -3.72
C GLY B 219 3.18 -9.61 -4.31
N GLY B 220 2.25 -9.19 -3.46
CA GLY B 220 1.07 -8.51 -3.96
C GLY B 220 -0.05 -9.48 -4.32
N ALA B 221 -1.08 -8.96 -4.98
CA ALA B 221 -2.20 -9.77 -5.40
C ALA B 221 -2.19 -9.93 -6.91
N GLY B 222 -2.29 -11.16 -7.38
CA GLY B 222 -2.22 -11.37 -8.82
C GLY B 222 -3.48 -10.91 -9.52
N ALA B 223 -3.34 -9.91 -10.38
CA ALA B 223 -4.44 -9.41 -11.19
C ALA B 223 -4.54 -10.26 -12.48
N THR B 224 -3.84 -9.83 -13.53
CA THR B 224 -3.84 -10.51 -14.82
C THR B 224 -2.40 -10.84 -15.17
N GLN B 225 -1.81 -9.99 -16.01
CA GLN B 225 -0.40 -10.06 -16.35
C GLN B 225 0.35 -9.00 -15.55
N ALA B 226 -0.31 -8.56 -14.49
CA ALA B 226 0.13 -7.52 -13.59
C ALA B 226 -0.36 -7.86 -12.21
N PHE B 227 0.10 -7.13 -11.22
CA PHE B 227 -0.34 -7.41 -9.87
C PHE B 227 -0.52 -6.15 -9.06
N LEU B 228 -1.24 -6.29 -7.97
CA LEU B 228 -1.55 -5.17 -7.14
C LEU B 228 -0.65 -5.13 -5.94
N ALA B 229 -0.28 -3.95 -5.52
CA ALA B 229 0.56 -3.86 -4.35
C ALA B 229 0.26 -2.60 -3.58
N ASN B 230 0.50 -2.68 -2.29
CA ASN B 230 0.31 -1.57 -1.40
C ASN B 230 1.53 -1.49 -0.52
N MET B 231 1.71 -0.38 0.18
CA MET B 231 2.91 -0.21 0.97
C MET B 231 3.15 -1.27 2.06
N PRO B 232 2.18 -1.60 2.95
CA PRO B 232 2.39 -2.59 3.97
C PRO B 232 2.91 -3.92 3.45
N ASN B 233 2.40 -4.37 2.32
CA ASN B 233 2.88 -5.63 1.77
C ASN B 233 4.21 -5.51 1.14
N SER B 234 4.49 -4.38 0.51
CA SER B 234 5.81 -4.27 -0.04
C SER B 234 6.83 -4.21 1.09
N TRP B 235 6.42 -3.67 2.23
CA TRP B 235 7.33 -3.60 3.35
C TRP B 235 7.60 -4.97 3.92
N ILE B 236 6.57 -5.77 4.13
CA ILE B 236 6.81 -7.12 4.65
C ILE B 236 7.63 -7.96 3.69
N SER B 237 7.52 -7.68 2.38
CA SER B 237 8.27 -8.46 1.39
C SER B 237 9.76 -8.18 1.44
N MET B 238 10.20 -7.20 2.24
CA MET B 238 11.62 -6.92 2.39
C MET B 238 12.35 -8.07 3.05
N TRP B 239 11.66 -8.88 3.84
CA TRP B 239 12.29 -9.98 4.51
C TRP B 239 12.04 -11.25 3.77
N ARG B 240 12.93 -12.21 3.97
CA ARG B 240 12.86 -13.45 3.24
C ARG B 240 11.91 -14.38 3.95
N TYR B 241 12.04 -14.48 5.27
CA TYR B 241 11.16 -15.34 6.04
C TYR B 241 10.63 -14.58 7.24
N PHE B 242 9.47 -14.95 7.76
CA PHE B 242 9.03 -14.25 8.95
C PHE B 242 8.07 -15.05 9.78
N ARG B 243 7.87 -14.60 11.01
CA ARG B 243 6.90 -15.26 11.87
C ARG B 243 6.40 -14.34 12.95
N GLY B 244 5.31 -14.73 13.58
CA GLY B 244 4.76 -13.95 14.67
C GLY B 244 3.34 -14.35 14.95
N GLU B 245 2.68 -13.58 15.80
CA GLU B 245 1.30 -13.84 16.13
C GLU B 245 0.41 -13.14 15.15
N LEU B 246 -0.49 -13.88 14.53
CA LEU B 246 -1.33 -13.26 13.52
C LEU B 246 -2.66 -12.82 14.08
N HIS B 247 -3.06 -11.63 13.70
CA HIS B 247 -4.34 -11.09 14.08
C HIS B 247 -5.16 -10.82 12.86
N PHE B 248 -6.25 -11.57 12.71
CA PHE B 248 -7.13 -11.40 11.57
C PHE B 248 -8.46 -10.82 11.96
N GLU B 249 -9.05 -10.10 11.05
CA GLU B 249 -10.37 -9.56 11.23
C GLU B 249 -11.29 -10.22 10.23
N VAL B 250 -12.29 -10.91 10.72
CA VAL B 250 -13.22 -11.59 9.85
C VAL B 250 -14.54 -10.85 9.81
N THR B 251 -14.96 -10.45 8.61
CA THR B 251 -16.17 -9.66 8.46
C THR B 251 -17.29 -10.36 7.74
N LYS B 252 -18.45 -10.40 8.36
CA LYS B 252 -19.60 -10.99 7.70
C LYS B 252 -20.14 -9.99 6.70
N MET B 253 -20.00 -10.28 5.41
CA MET B 253 -20.39 -9.31 4.42
C MET B 253 -21.74 -9.58 3.81
N SER B 254 -22.33 -10.72 4.14
CA SER B 254 -23.65 -11.07 3.64
C SER B 254 -24.71 -10.67 4.64
N SER B 255 -25.97 -10.76 4.22
CA SER B 255 -27.08 -10.45 5.11
C SER B 255 -27.12 -11.41 6.29
N PRO B 256 -27.73 -11.01 7.40
CA PRO B 256 -27.94 -11.85 8.56
C PRO B 256 -28.64 -13.17 8.23
N TYR B 257 -29.48 -13.15 7.20
CA TYR B 257 -30.22 -14.33 6.78
C TYR B 257 -29.35 -15.42 6.19
N ILE B 258 -28.21 -15.05 5.62
CA ILE B 258 -27.36 -16.07 5.07
C ILE B 258 -26.44 -16.53 6.16
N LYS B 259 -26.54 -17.79 6.51
CA LYS B 259 -25.76 -18.30 7.61
C LYS B 259 -24.92 -19.49 7.24
N ALA B 260 -23.87 -19.68 8.03
CA ALA B 260 -22.94 -20.76 7.86
C ALA B 260 -21.88 -20.68 8.94
N THR B 261 -21.57 -21.83 9.51
CA THR B 261 -20.55 -21.87 10.54
C THR B 261 -19.21 -22.05 9.85
N VAL B 262 -18.24 -21.20 10.19
CA VAL B 262 -16.96 -21.28 9.51
C VAL B 262 -15.83 -21.63 10.44
N THR B 263 -15.04 -22.62 10.04
CA THR B 263 -13.91 -23.06 10.80
C THR B 263 -12.62 -22.47 10.28
N PHE B 264 -11.82 -21.91 11.17
CA PHE B 264 -10.52 -21.41 10.77
C PHE B 264 -9.39 -22.19 11.35
N LEU B 265 -8.45 -22.57 10.51
CA LEU B 265 -7.30 -23.31 10.99
C LEU B 265 -6.12 -23.15 10.08
N ILE B 266 -4.93 -23.35 10.61
CA ILE B 266 -3.75 -23.23 9.78
C ILE B 266 -3.13 -24.57 9.51
N ALA B 267 -3.01 -24.88 8.24
CA ALA B 267 -2.45 -26.14 7.80
C ALA B 267 -1.66 -25.92 6.54
N PHE B 268 -1.44 -26.98 5.76
CA PHE B 268 -0.65 -26.85 4.55
C PHE B 268 -1.41 -27.29 3.33
N GLY B 269 -0.86 -26.96 2.16
CA GLY B 269 -1.48 -27.27 0.86
C GLY B 269 -1.54 -28.77 0.52
N ASN B 270 -1.06 -29.63 1.40
CA ASN B 270 -1.15 -31.07 1.19
C ASN B 270 -2.55 -31.58 1.48
N LEU B 271 -3.35 -30.80 2.20
CA LEU B 271 -4.69 -31.25 2.48
C LEU B 271 -5.57 -30.94 1.32
N SER B 272 -6.30 -31.96 0.86
CA SER B 272 -7.16 -31.82 -0.29
C SER B 272 -8.55 -31.44 0.12
N ASP B 273 -9.36 -31.19 -0.88
CA ASP B 273 -10.76 -30.94 -0.67
C ASP B 273 -11.37 -32.27 -0.27
N ALA B 274 -12.56 -32.25 0.30
CA ALA B 274 -13.27 -33.46 0.73
C ALA B 274 -12.44 -34.25 1.74
N PHE B 275 -12.04 -33.56 2.79
CA PHE B 275 -11.26 -34.14 3.86
C PHE B 275 -11.96 -33.88 5.17
N GLY B 276 -12.77 -34.82 5.62
CA GLY B 276 -13.56 -34.61 6.83
C GLY B 276 -12.81 -34.80 8.15
N PHE B 277 -11.52 -34.51 8.17
CA PHE B 277 -10.74 -34.64 9.36
C PHE B 277 -10.07 -33.31 9.67
N TYR B 278 -10.47 -32.24 8.98
CA TYR B 278 -9.90 -30.92 9.21
C TYR B 278 -9.94 -30.49 10.67
N GLU B 279 -11.00 -30.86 11.38
CA GLU B 279 -11.18 -30.52 12.79
C GLU B 279 -10.13 -31.13 13.71
N SER B 280 -9.32 -32.05 13.21
CA SER B 280 -8.21 -32.60 13.95
C SER B 280 -7.24 -31.49 14.33
N PHE B 281 -7.04 -30.56 13.40
CA PHE B 281 -6.15 -29.44 13.61
C PHE B 281 -6.77 -28.47 14.58
N PRO B 282 -5.98 -27.78 15.40
CA PRO B 282 -6.45 -26.76 16.26
C PRO B 282 -7.21 -25.78 15.42
N HIS B 283 -8.40 -25.40 15.86
CA HIS B 283 -9.18 -24.53 15.04
C HIS B 283 -10.15 -23.68 15.81
N ARG B 284 -10.65 -22.65 15.16
CA ARG B 284 -11.60 -21.76 15.77
C ARG B 284 -12.94 -21.80 15.06
N ILE B 285 -14.01 -21.87 15.84
CA ILE B 285 -15.36 -21.86 15.29
C ILE B 285 -15.92 -20.48 15.26
N VAL B 286 -16.25 -20.00 14.08
CA VAL B 286 -16.79 -18.68 13.94
C VAL B 286 -18.24 -18.66 13.50
N GLN B 287 -19.07 -18.08 14.34
CA GLN B 287 -20.48 -17.90 14.06
C GLN B 287 -20.82 -16.46 14.35
N PHE B 288 -21.81 -15.94 13.64
CA PHE B 288 -22.20 -14.57 13.88
C PHE B 288 -23.66 -14.45 14.23
N ALA B 289 -23.95 -13.65 15.25
CA ALA B 289 -25.32 -13.34 15.59
C ALA B 289 -25.82 -12.35 14.56
N GLU B 290 -27.13 -12.18 14.46
CA GLU B 290 -27.67 -11.21 13.49
C GLU B 290 -27.13 -9.79 13.72
N VAL B 291 -26.76 -9.50 14.96
CA VAL B 291 -26.17 -8.22 15.33
C VAL B 291 -24.71 -8.14 14.92
N GLU B 292 -23.99 -9.22 15.17
CA GLU B 292 -22.56 -9.32 14.92
C GLU B 292 -22.16 -9.38 13.46
N GLU B 293 -20.96 -8.88 13.19
CA GLU B 293 -20.39 -9.00 11.86
C GLU B 293 -18.88 -8.99 11.91
N LYS B 294 -18.31 -9.03 13.10
CA LYS B 294 -16.86 -8.96 13.17
C LYS B 294 -16.29 -9.89 14.22
N CYS B 295 -15.30 -10.68 13.81
CA CYS B 295 -14.67 -11.61 14.72
C CYS B 295 -13.17 -11.59 14.57
N THR B 296 -12.47 -11.49 15.69
CA THR B 296 -11.02 -11.46 15.66
C THR B 296 -10.43 -12.84 15.85
N LEU B 297 -9.49 -13.21 14.99
CA LEU B 297 -8.83 -14.49 15.11
C LEU B 297 -7.42 -14.28 15.57
N VAL B 298 -6.95 -15.14 16.46
CA VAL B 298 -5.59 -15.03 16.94
C VAL B 298 -4.84 -16.34 16.76
N PHE B 299 -3.69 -16.24 16.10
CA PHE B 299 -2.86 -17.39 15.90
C PHE B 299 -1.49 -17.13 16.47
N SER B 300 -1.28 -17.59 17.70
CA SER B 300 -0.03 -17.36 18.40
C SER B 300 1.10 -18.11 17.75
N GLN B 301 2.32 -17.80 18.18
CA GLN B 301 3.51 -18.45 17.66
C GLN B 301 3.55 -19.95 17.94
N GLN B 302 2.65 -20.46 18.79
CA GLN B 302 2.60 -21.88 19.08
C GLN B 302 1.95 -22.64 17.94
N GLU B 303 1.39 -21.91 16.98
CA GLU B 303 0.80 -22.50 15.82
C GLU B 303 1.83 -22.70 14.71
N PHE B 304 3.07 -22.25 14.91
CA PHE B 304 4.03 -22.38 13.85
C PHE B 304 5.32 -23.00 14.37
N VAL B 305 5.88 -23.92 13.61
CA VAL B 305 7.12 -24.52 14.03
C VAL B 305 8.26 -23.59 13.70
N THR B 306 8.30 -23.16 12.45
CA THR B 306 9.33 -22.25 11.98
C THR B 306 8.70 -21.06 11.30
N ALA B 307 9.57 -20.15 10.88
CA ALA B 307 9.16 -19.02 10.07
C ALA B 307 8.85 -19.52 8.68
N TRP B 308 8.27 -18.65 7.86
CA TRP B 308 7.95 -19.08 6.51
C TRP B 308 8.17 -17.97 5.53
N SER B 309 8.28 -18.33 4.26
CA SER B 309 8.64 -17.37 3.24
C SER B 309 7.58 -16.35 2.92
N THR B 310 8.05 -15.13 2.70
CA THR B 310 7.20 -14.03 2.29
C THR B 310 6.71 -14.18 0.86
N GLN B 311 7.45 -14.92 0.05
CA GLN B 311 7.06 -15.13 -1.34
C GLN B 311 7.40 -16.52 -1.82
N VAL B 312 6.65 -17.00 -2.79
CA VAL B 312 7.00 -18.24 -3.44
C VAL B 312 6.82 -18.02 -4.91
N ASN B 313 7.41 -18.86 -5.72
CA ASN B 313 7.21 -18.72 -7.15
C ASN B 313 5.78 -19.14 -7.47
N PRO B 314 4.95 -18.26 -8.07
CA PRO B 314 3.56 -18.51 -8.39
C PRO B 314 3.22 -19.82 -9.09
N ARG B 315 4.20 -20.44 -9.75
CA ARG B 315 3.96 -21.71 -10.42
C ARG B 315 3.90 -22.89 -9.45
N THR B 316 4.31 -22.65 -8.21
CA THR B 316 4.31 -23.66 -7.16
C THR B 316 2.90 -24.15 -6.89
N THR B 317 2.73 -25.46 -6.87
CA THR B 317 1.42 -26.04 -6.62
C THR B 317 1.15 -26.13 -5.15
N LEU B 318 -0.08 -26.39 -4.76
CA LEU B 318 -0.40 -26.48 -3.35
C LEU B 318 0.36 -27.61 -2.69
N GLU B 319 0.44 -28.74 -3.39
CA GLU B 319 1.19 -29.88 -2.90
C GLU B 319 2.65 -29.52 -2.67
N ALA B 320 3.24 -28.81 -3.63
CA ALA B 320 4.63 -28.42 -3.54
C ALA B 320 4.88 -27.19 -2.66
N ASP B 321 3.84 -26.61 -2.06
CA ASP B 321 4.02 -25.43 -1.26
C ASP B 321 4.11 -25.78 0.21
N GLY B 322 5.32 -25.68 0.76
CA GLY B 322 5.56 -26.00 2.16
C GLY B 322 5.22 -24.87 3.14
N CYS B 323 4.68 -23.76 2.64
CA CYS B 323 4.32 -22.67 3.53
C CYS B 323 2.87 -22.86 3.96
N PRO B 324 2.51 -22.40 5.15
CA PRO B 324 1.21 -22.58 5.69
C PRO B 324 0.15 -21.72 5.05
N TYR B 325 -1.06 -22.26 5.06
CA TYR B 325 -2.27 -21.64 4.56
C TYR B 325 -3.33 -21.54 5.62
N LEU B 326 -4.10 -20.48 5.54
CA LEU B 326 -5.22 -20.33 6.42
C LEU B 326 -6.42 -20.92 5.73
N TYR B 327 -7.03 -21.88 6.37
CA TYR B 327 -8.20 -22.55 5.85
C TYR B 327 -9.46 -21.98 6.41
N ALA B 328 -10.43 -21.78 5.53
CA ALA B 328 -11.76 -21.33 5.89
C ALA B 328 -12.72 -22.40 5.44
N ILE B 329 -13.34 -23.07 6.39
CA ILE B 329 -14.14 -24.23 6.05
C ILE B 329 -15.58 -24.19 6.50
N ILE B 330 -16.49 -24.48 5.59
CA ILE B 330 -17.88 -24.54 6.00
C ILE B 330 -18.11 -25.75 6.88
N HIS B 331 -18.10 -25.47 8.17
CA HIS B 331 -18.28 -26.46 9.22
C HIS B 331 -19.58 -27.24 9.11
N ASP B 332 -20.61 -26.61 8.57
CA ASP B 332 -21.92 -27.25 8.46
C ASP B 332 -22.55 -27.13 7.06
N SER B 333 -23.14 -26.00 6.73
CA SER B 333 -23.78 -25.82 5.44
C SER B 333 -24.21 -24.39 5.25
N THR B 334 -24.02 -23.87 4.07
CA THR B 334 -24.41 -22.51 3.79
C THR B 334 -25.85 -22.46 3.38
N THR B 335 -26.63 -21.64 4.08
CA THR B 335 -28.04 -21.56 3.76
C THR B 335 -28.69 -20.26 4.12
N GLY B 336 -30.01 -20.24 4.00
CA GLY B 336 -30.80 -19.07 4.32
C GLY B 336 -32.20 -19.23 3.75
N THR B 337 -33.04 -18.23 3.98
CA THR B 337 -34.39 -18.26 3.45
C THR B 337 -34.48 -17.53 2.13
N ILE B 338 -33.41 -16.80 1.81
CA ILE B 338 -33.34 -16.04 0.59
C ILE B 338 -32.12 -16.45 -0.20
N SER B 339 -32.09 -16.07 -1.47
CA SER B 339 -30.94 -16.37 -2.31
C SER B 339 -29.78 -15.46 -1.95
N GLY B 340 -28.58 -15.85 -2.35
CA GLY B 340 -27.39 -15.06 -2.07
C GLY B 340 -26.27 -15.94 -1.55
N ASP B 341 -25.04 -15.53 -1.78
CA ASP B 341 -23.91 -16.32 -1.35
C ASP B 341 -23.27 -15.72 -0.11
N PHE B 342 -22.87 -16.60 0.80
CA PHE B 342 -22.27 -16.16 2.04
C PHE B 342 -20.89 -15.57 1.82
N ASN B 343 -20.84 -14.28 1.59
CA ASN B 343 -19.55 -13.62 1.45
C ASN B 343 -18.95 -13.31 2.80
N LEU B 344 -17.71 -13.75 2.98
CA LEU B 344 -17.00 -13.54 4.21
C LEU B 344 -15.66 -12.86 3.90
N GLY B 345 -15.35 -11.78 4.58
CA GLY B 345 -14.11 -11.06 4.26
C GLY B 345 -13.04 -11.28 5.29
N VAL B 346 -11.83 -11.56 4.83
CA VAL B 346 -10.75 -11.77 5.76
C VAL B 346 -9.64 -10.77 5.56
N LYS B 347 -9.25 -10.13 6.64
CA LYS B 347 -8.19 -9.15 6.60
C LYS B 347 -7.13 -9.37 7.65
N LEU B 348 -5.88 -9.40 7.24
CA LEU B 348 -4.81 -9.53 8.20
C LEU B 348 -4.58 -8.20 8.83
N VAL B 349 -4.91 -8.08 10.10
CA VAL B 349 -4.76 -6.82 10.77
C VAL B 349 -3.31 -6.53 11.00
N GLY B 350 -2.61 -7.48 11.58
CA GLY B 350 -1.20 -7.26 11.81
C GLY B 350 -0.50 -8.42 12.48
N ILE B 351 0.77 -8.19 12.78
CA ILE B 351 1.60 -9.19 13.40
C ILE B 351 2.16 -8.72 14.73
N LYS B 352 2.00 -9.55 15.75
CA LYS B 352 2.54 -9.23 17.05
C LYS B 352 3.78 -10.04 17.33
N ASP B 353 4.81 -9.39 17.87
CA ASP B 353 6.08 -10.04 18.14
C ASP B 353 6.68 -10.54 16.84
N PHE B 354 6.70 -9.64 15.87
CA PHE B 354 7.20 -9.89 14.53
C PHE B 354 8.67 -10.17 14.43
N CYS B 355 9.01 -11.27 13.80
CA CYS B 355 10.38 -11.61 13.53
C CYS B 355 10.63 -11.59 12.04
N GLY B 356 11.59 -10.80 11.62
CA GLY B 356 11.93 -10.72 10.20
C GLY B 356 13.28 -11.36 9.99
N ILE B 357 13.34 -12.29 9.05
CA ILE B 357 14.55 -13.03 8.79
C ILE B 357 15.16 -12.76 7.43
N GLY B 358 16.46 -12.48 7.45
CA GLY B 358 17.25 -12.31 6.24
C GLY B 358 16.82 -11.12 5.41
N SER B 359 16.79 -11.34 4.11
CA SER B 359 16.43 -10.30 3.16
C SER B 359 16.03 -10.92 1.84
N ASN B 360 14.88 -10.53 1.36
CA ASN B 360 14.30 -11.07 0.13
C ASN B 360 14.84 -10.42 -1.14
N PRO B 361 15.54 -11.15 -2.02
CA PRO B 361 16.01 -10.63 -3.27
C PRO B 361 14.85 -10.27 -4.19
N GLY B 362 13.69 -10.88 -3.98
CA GLY B 362 12.50 -10.53 -4.71
C GLY B 362 12.08 -11.43 -5.85
N ILE B 363 10.78 -11.65 -5.95
CA ILE B 363 10.18 -12.39 -7.05
C ILE B 363 9.16 -11.47 -7.75
N ASP B 364 9.35 -11.25 -9.04
CA ASP B 364 8.45 -10.39 -9.82
C ASP B 364 7.01 -10.89 -9.81
N GLY B 365 6.82 -12.19 -9.94
CA GLY B 365 5.49 -12.76 -9.93
C GLY B 365 4.87 -12.59 -8.56
N SER B 366 3.54 -12.42 -8.53
CA SER B 366 2.82 -12.21 -7.28
C SER B 366 2.61 -13.48 -6.46
N ARG B 367 1.41 -14.04 -6.57
CA ARG B 367 0.92 -15.23 -5.85
C ARG B 367 -0.46 -15.66 -6.34
N LEU B 368 -1.13 -14.81 -7.14
CA LEU B 368 -2.50 -15.04 -7.60
C LEU B 368 -3.48 -14.84 -6.45
N LEU B 369 -4.73 -14.51 -6.76
CA LEU B 369 -5.74 -14.28 -5.73
C LEU B 369 -5.67 -15.30 -4.61
#